data_5NE2
#
_entry.id   5NE2
#
_cell.length_a   69.678
_cell.length_b   84.720
_cell.length_c   93.712
_cell.angle_alpha   90.00
_cell.angle_beta   90.00
_cell.angle_gamma   90.00
#
_symmetry.space_group_name_H-M   'P 21 21 21'
#
loop_
_entity.id
_entity.type
_entity.pdbx_description
1 polymer Beta-lactamase
2 non-polymer 'D-GLUTAMIC ACID'
3 water water
#
_entity_poly.entity_id   1
_entity_poly.type   'polypeptide(L)'
_entity_poly.pdbx_seq_one_letter_code
;GPAGKATANAPTDAAITAASDFAALEKACAGRLGVTLLDTASGRRIGHRQDERFPMCSTFKSMLAATVLSQAERMPALLD
RRVPVGEADLLSHAPVTRRHAGKDMTVRDLCRATIITSDNTAANLLFGVVGGPPAVTAFLRASGDTVSRSDRLEPELNSF
AKGDPRDTTTPAAMAATLQRVVLGEVLQPASRQQLADWLIDNETGDACLRAGLGKRWRVGDKTGSNGEDARNDIAVLWPV
AGGAPWVLTAYLQAGAISYEQRASVLAQVGRIADRLIG
;
_entity_poly.pdbx_strand_id   A,B
#
# COMPACT_ATOMS: atom_id res chain seq x y z
N ASN A 9 17.25 30.43 -6.57
CA ASN A 9 16.35 29.37 -7.02
C ASN A 9 15.24 29.89 -7.93
N ALA A 10 14.77 31.10 -7.66
CA ALA A 10 13.65 31.66 -8.41
C ALA A 10 13.87 31.68 -9.92
N PRO A 11 14.99 32.18 -10.46
CA PRO A 11 15.14 32.19 -11.92
C PRO A 11 15.01 30.81 -12.55
N THR A 12 15.66 29.80 -11.98
CA THR A 12 15.54 28.46 -12.53
C THR A 12 14.10 27.97 -12.46
N ASP A 13 13.43 28.19 -11.33
CA ASP A 13 12.03 27.75 -11.22
C ASP A 13 11.15 28.46 -12.24
N ALA A 14 11.38 29.75 -12.44
CA ALA A 14 10.60 30.50 -13.43
C ALA A 14 10.87 30.00 -14.84
N ALA A 15 12.12 29.67 -15.16
CA ALA A 15 12.43 29.17 -16.50
C ALA A 15 11.79 27.81 -16.73
N ILE A 16 11.77 26.95 -15.70
CA ILE A 16 11.11 25.66 -15.81
C ILE A 16 9.62 25.85 -16.07
N THR A 17 8.99 26.77 -15.33
CA THR A 17 7.57 27.01 -15.48
C THR A 17 7.23 27.57 -16.85
N ALA A 18 8.12 28.39 -17.42
CA ALA A 18 7.84 29.01 -18.71
C ALA A 18 8.08 28.09 -19.89
N ALA A 19 8.75 26.96 -19.70
CA ALA A 19 9.08 26.08 -20.81
C ALA A 19 7.83 25.41 -21.38
N SER A 20 7.60 25.56 -22.68
CA SER A 20 6.42 25.03 -23.33
C SER A 20 6.71 23.87 -24.30
N ASP A 21 7.98 23.47 -24.44
CA ASP A 21 8.35 22.31 -25.23
C ASP A 21 9.51 21.62 -24.53
N PHE A 22 9.76 20.36 -24.88
CA PHE A 22 10.73 19.56 -24.14
C PHE A 22 12.14 20.13 -24.25
N ALA A 23 12.52 20.62 -25.45
CA ALA A 23 13.85 21.18 -25.62
C ALA A 23 14.05 22.39 -24.71
N ALA A 24 13.05 23.27 -24.62
CA ALA A 24 13.16 24.41 -23.73
C ALA A 24 13.20 23.99 -22.27
N LEU A 25 12.47 22.93 -21.92
CA LEU A 25 12.48 22.45 -20.55
C LEU A 25 13.85 21.92 -20.16
N GLU A 26 14.46 21.14 -21.07
CA GLU A 26 15.81 20.66 -20.84
C GLU A 26 16.78 21.83 -20.61
N LYS A 27 16.69 22.86 -21.44
CA LYS A 27 17.56 24.01 -21.30
C LYS A 27 17.33 24.74 -19.98
N ALA A 28 16.07 24.82 -19.54
CA ALA A 28 15.73 25.56 -18.33
C ALA A 28 16.40 24.98 -17.10
N CYS A 29 16.65 23.67 -17.07
CA CYS A 29 17.31 23.02 -15.93
C CYS A 29 18.76 22.67 -16.22
N ALA A 30 19.29 23.07 -17.38
CA ALA A 30 20.68 22.78 -17.76
C ALA A 30 20.96 21.28 -17.72
N GLY A 31 19.95 20.47 -18.06
CA GLY A 31 20.03 19.05 -17.90
C GLY A 31 20.10 18.29 -19.23
N ARG A 32 19.88 16.98 -19.13
CA ARG A 32 19.71 16.11 -20.27
C ARG A 32 18.39 15.37 -20.03
N LEU A 33 17.43 15.59 -20.92
CA LEU A 33 16.06 15.13 -20.74
C LEU A 33 15.70 14.22 -21.90
N GLY A 34 15.20 13.03 -21.58
CA GLY A 34 14.74 12.10 -22.59
C GLY A 34 13.27 11.80 -22.38
N VAL A 35 12.44 12.06 -23.38
CA VAL A 35 11.00 11.91 -23.27
C VAL A 35 10.47 11.21 -24.50
N THR A 36 9.56 10.25 -24.30
CA THR A 36 8.72 9.71 -25.35
C THR A 36 7.27 9.80 -24.94
N LEU A 37 6.45 10.45 -25.77
CA LEU A 37 5.00 10.41 -25.68
C LEU A 37 4.49 9.55 -26.83
N LEU A 38 3.88 8.42 -26.50
CA LEU A 38 3.49 7.40 -27.47
C LEU A 38 1.97 7.27 -27.50
N ASP A 39 1.40 7.44 -28.69
CA ASP A 39 -0.02 7.21 -28.94
C ASP A 39 -0.18 5.74 -29.29
N THR A 40 -0.82 4.95 -28.42
CA THR A 40 -0.88 3.52 -28.68
C THR A 40 -1.77 3.15 -29.86
N ALA A 41 -2.69 4.02 -30.27
CA ALA A 41 -3.55 3.70 -31.41
C ALA A 41 -2.76 3.71 -32.72
N SER A 42 -1.84 4.66 -32.87
CA SER A 42 -1.14 4.91 -34.12
C SER A 42 0.32 4.48 -34.11
N GLY A 43 0.92 4.34 -32.93
CA GLY A 43 2.36 4.19 -32.83
C GLY A 43 3.13 5.48 -32.92
N ARG A 44 2.48 6.61 -33.13
CA ARG A 44 3.19 7.87 -33.31
C ARG A 44 3.85 8.28 -31.99
N ARG A 45 5.09 8.74 -32.07
CA ARG A 45 5.83 9.21 -30.92
C ARG A 45 6.32 10.64 -31.13
N ILE A 46 6.23 11.44 -30.08
N ILE A 46 6.24 11.46 -30.09
CA ILE A 46 6.81 12.77 -30.00
CA ILE A 46 6.88 12.76 -30.06
C ILE A 46 7.71 12.77 -28.76
C ILE A 46 7.67 12.83 -28.77
N GLY A 47 8.78 13.57 -28.79
CA GLY A 47 9.63 13.59 -27.61
C GLY A 47 10.93 14.32 -27.83
N HIS A 48 11.94 13.87 -27.10
CA HIS A 48 13.23 14.54 -27.08
C HIS A 48 14.25 13.50 -26.64
N ARG A 49 15.36 13.39 -27.37
CA ARG A 49 16.39 12.40 -27.06
C ARG A 49 15.79 11.01 -26.85
N GLN A 50 14.84 10.64 -27.72
CA GLN A 50 14.06 9.42 -27.49
C GLN A 50 14.91 8.17 -27.55
N ASP A 51 16.06 8.22 -28.23
CA ASP A 51 16.87 7.03 -28.44
C ASP A 51 18.25 7.13 -27.78
N GLU A 52 18.42 8.03 -26.82
CA GLU A 52 19.62 8.08 -26.01
C GLU A 52 19.43 7.23 -24.75
N ARG A 53 20.54 6.66 -24.27
CA ARG A 53 20.47 5.84 -23.06
C ARG A 53 20.47 6.70 -21.81
N PHE A 54 19.68 6.28 -20.83
CA PHE A 54 19.59 6.87 -19.52
C PHE A 54 19.59 5.74 -18.50
N PRO A 55 20.01 6.00 -17.26
CA PRO A 55 19.92 4.96 -16.22
C PRO A 55 18.46 4.71 -15.86
N MET A 56 18.08 3.43 -15.82
CA MET A 56 16.70 3.14 -15.42
C MET A 56 16.43 3.56 -13.98
N CYS A 57 17.42 3.42 -13.10
CA CYS A 57 17.15 3.47 -11.67
C CYS A 57 15.93 2.59 -11.38
N SER A 58 15.04 2.98 -10.46
CA SER A 58 13.96 2.06 -10.09
C SER A 58 12.91 1.87 -11.15
N THR A 59 12.96 2.55 -12.31
CA THR A 59 11.96 2.26 -13.33
C THR A 59 12.03 0.81 -13.81
N PHE A 60 13.17 0.13 -13.63
CA PHE A 60 13.29 -1.27 -14.01
C PHE A 60 12.32 -2.16 -13.22
N LYS A 61 11.89 -1.71 -12.04
CA LYS A 61 11.10 -2.58 -11.17
C LYS A 61 9.78 -2.98 -11.82
N SER A 62 9.26 -2.13 -12.71
CA SER A 62 8.08 -2.49 -13.49
C SER A 62 8.31 -3.80 -14.24
N MET A 63 9.50 -3.97 -14.81
CA MET A 63 9.80 -5.16 -15.60
C MET A 63 10.31 -6.33 -14.77
N LEU A 64 10.88 -6.07 -13.60
CA LEU A 64 11.11 -7.15 -12.65
C LEU A 64 9.79 -7.78 -12.23
N ALA A 65 8.81 -6.94 -11.88
CA ALA A 65 7.48 -7.46 -11.55
C ALA A 65 6.87 -8.21 -12.72
N ALA A 66 7.05 -7.69 -13.94
CA ALA A 66 6.52 -8.38 -15.11
C ALA A 66 7.19 -9.74 -15.29
N THR A 67 8.49 -9.82 -15.03
CA THR A 67 9.20 -11.09 -15.12
C THR A 67 8.63 -12.11 -14.14
N VAL A 68 8.35 -11.68 -12.91
CA VAL A 68 7.73 -12.55 -11.91
C VAL A 68 6.37 -13.04 -12.41
N LEU A 69 5.54 -12.11 -12.89
CA LEU A 69 4.21 -12.49 -13.36
C LEU A 69 4.29 -13.46 -14.53
N SER A 70 5.24 -13.24 -15.44
CA SER A 70 5.40 -14.14 -16.58
C SER A 70 5.80 -15.53 -16.10
N GLN A 71 6.74 -15.61 -15.15
CA GLN A 71 7.14 -16.91 -14.63
C GLN A 71 6.00 -17.60 -13.91
N ALA A 72 5.16 -16.83 -13.19
CA ALA A 72 4.04 -17.43 -12.48
C ALA A 72 3.05 -18.07 -13.45
N GLU A 73 2.99 -17.60 -14.70
CA GLU A 73 2.09 -18.23 -15.66
C GLU A 73 2.48 -19.66 -15.98
N ARG A 74 3.75 -20.03 -15.77
CA ARG A 74 4.20 -21.41 -15.98
C ARG A 74 4.61 -22.10 -14.70
N MET A 75 4.49 -21.44 -13.55
CA MET A 75 4.85 -22.01 -12.26
C MET A 75 3.66 -21.77 -11.34
N PRO A 76 2.72 -22.71 -11.28
CA PRO A 76 1.53 -22.51 -10.45
C PRO A 76 1.93 -22.20 -9.02
N ALA A 77 1.26 -21.22 -8.44
CA ALA A 77 1.42 -20.83 -7.03
C ALA A 77 2.68 -20.04 -6.76
N LEU A 78 3.47 -19.65 -7.77
CA LEU A 78 4.66 -18.83 -7.50
C LEU A 78 4.30 -17.55 -6.74
N LEU A 79 3.20 -16.89 -7.11
CA LEU A 79 2.86 -15.62 -6.47
C LEU A 79 2.55 -15.78 -5.00
N ASP A 80 2.11 -16.97 -4.58
CA ASP A 80 1.80 -17.26 -3.20
C ASP A 80 2.99 -17.80 -2.42
N ARG A 81 4.11 -18.09 -3.09
CA ARG A 81 5.29 -18.57 -2.38
C ARG A 81 5.76 -17.51 -1.39
N ARG A 82 6.17 -17.95 -0.21
CA ARG A 82 6.67 -17.04 0.81
C ARG A 82 8.20 -17.04 0.83
N VAL A 83 8.77 -15.84 0.90
CA VAL A 83 10.21 -15.63 0.79
C VAL A 83 10.68 -15.01 2.11
N PRO A 84 11.67 -15.59 2.78
CA PRO A 84 12.16 -14.98 4.02
C PRO A 84 12.78 -13.61 3.80
N VAL A 85 12.47 -12.69 4.70
CA VAL A 85 13.11 -11.39 4.77
C VAL A 85 14.08 -11.45 5.94
N GLY A 86 15.37 -11.47 5.65
CA GLY A 86 16.39 -11.54 6.68
C GLY A 86 16.99 -10.18 6.97
N GLU A 87 17.52 -10.05 8.18
CA GLU A 87 18.24 -8.83 8.54
C GLU A 87 19.27 -8.46 7.49
N ALA A 88 20.00 -9.45 6.97
CA ALA A 88 21.05 -9.20 5.99
C ALA A 88 20.52 -8.72 4.65
N ASP A 89 19.23 -8.93 4.36
CA ASP A 89 18.63 -8.45 3.13
C ASP A 89 18.22 -6.99 3.20
N LEU A 90 18.10 -6.43 4.40
CA LEU A 90 17.54 -5.09 4.56
C LEU A 90 18.52 -4.02 4.11
N LEU A 91 18.01 -3.04 3.39
CA LEU A 91 18.75 -1.90 2.89
C LEU A 91 18.16 -0.63 3.45
N SER A 92 18.83 0.50 3.21
CA SER A 92 18.35 1.77 3.75
C SER A 92 16.92 2.07 3.32
N HIS A 93 16.58 1.77 2.07
CA HIS A 93 15.22 2.02 1.57
C HIS A 93 14.48 0.68 1.48
N ALA A 94 13.74 0.36 2.54
CA ALA A 94 12.98 -0.89 2.65
C ALA A 94 11.70 -0.61 3.42
N PRO A 95 10.86 0.29 2.94
CA PRO A 95 9.74 0.77 3.77
C PRO A 95 8.72 -0.30 4.11
N VAL A 96 8.48 -1.27 3.23
CA VAL A 96 7.53 -2.35 3.52
C VAL A 96 8.22 -3.52 4.19
N THR A 97 9.31 -4.01 3.59
CA THR A 97 9.97 -5.20 4.08
C THR A 97 10.58 -5.02 5.46
N ARG A 98 10.89 -3.78 5.88
CA ARG A 98 11.48 -3.60 7.20
C ARG A 98 10.59 -4.12 8.31
N ARG A 99 9.26 -4.14 8.12
CA ARG A 99 8.36 -4.64 9.15
C ARG A 99 8.31 -6.16 9.21
N HIS A 100 8.94 -6.84 8.26
CA HIS A 100 8.89 -8.29 8.14
C HIS A 100 10.24 -8.96 8.35
N ALA A 101 11.22 -8.25 8.88
CA ALA A 101 12.51 -8.87 9.16
C ALA A 101 12.34 -10.01 10.16
N GLY A 102 12.88 -11.17 9.80
CA GLY A 102 12.74 -12.34 10.64
C GLY A 102 11.51 -13.18 10.36
N LYS A 103 10.65 -12.75 9.43
CA LYS A 103 9.55 -13.58 8.96
C LYS A 103 9.63 -13.59 7.43
N ASP A 104 8.51 -13.84 6.76
CA ASP A 104 8.48 -13.94 5.31
C ASP A 104 7.32 -13.14 4.72
N MET A 105 7.34 -13.00 3.39
CA MET A 105 6.32 -12.29 2.63
C MET A 105 6.04 -13.06 1.35
N THR A 106 4.81 -12.94 0.84
CA THR A 106 4.53 -13.59 -0.43
C THR A 106 5.24 -12.87 -1.57
N VAL A 107 5.53 -13.63 -2.62
CA VAL A 107 6.10 -13.04 -3.85
C VAL A 107 5.20 -11.93 -4.38
N ARG A 108 3.88 -12.15 -4.37
CA ARG A 108 2.94 -11.12 -4.83
C ARG A 108 3.08 -9.83 -4.04
N ASP A 109 3.19 -9.95 -2.70
CA ASP A 109 3.30 -8.77 -1.87
C ASP A 109 4.65 -8.09 -2.03
N LEU A 110 5.71 -8.85 -2.30
CA LEU A 110 6.99 -8.23 -2.62
C LEU A 110 6.90 -7.43 -3.92
N CYS A 111 6.20 -7.98 -4.93
CA CYS A 111 6.02 -7.24 -6.17
C CYS A 111 5.32 -5.91 -5.93
N ARG A 112 4.19 -5.95 -5.22
CA ARG A 112 3.47 -4.72 -4.95
C ARG A 112 4.38 -3.72 -4.24
N ALA A 113 5.09 -4.18 -3.20
CA ALA A 113 5.92 -3.28 -2.42
C ALA A 113 6.98 -2.60 -3.29
N THR A 114 7.63 -3.37 -4.16
CA THR A 114 8.71 -2.77 -4.94
C THR A 114 8.18 -1.77 -5.96
N ILE A 115 6.98 -2.01 -6.51
N ILE A 115 6.97 -1.99 -6.49
CA ILE A 115 6.39 -1.05 -7.45
CA ILE A 115 6.42 -1.03 -7.45
C ILE A 115 5.96 0.23 -6.73
C ILE A 115 5.95 0.24 -6.74
N ILE A 116 5.11 0.09 -5.71
CA ILE A 116 4.39 1.26 -5.18
C ILE A 116 5.19 2.08 -4.19
N THR A 117 6.22 1.49 -3.56
CA THR A 117 7.09 2.22 -2.65
C THR A 117 8.54 2.26 -3.11
N SER A 118 8.89 1.51 -4.15
CA SER A 118 10.27 1.38 -4.62
C SER A 118 11.16 0.61 -3.64
N ASP A 119 10.58 -0.18 -2.73
CA ASP A 119 11.34 -0.96 -1.74
C ASP A 119 12.48 -1.73 -2.39
N ASN A 120 13.71 -1.44 -1.96
CA ASN A 120 14.90 -2.04 -2.59
C ASN A 120 15.13 -3.47 -2.14
N THR A 121 14.87 -3.76 -0.86
CA THR A 121 15.00 -5.14 -0.38
C THR A 121 14.02 -6.06 -1.09
N ALA A 122 12.79 -5.58 -1.30
CA ALA A 122 11.83 -6.38 -2.04
C ALA A 122 12.35 -6.72 -3.43
N ALA A 123 12.96 -5.76 -4.11
CA ALA A 123 13.49 -6.03 -5.44
C ALA A 123 14.59 -7.07 -5.42
N ASN A 124 15.53 -6.97 -4.48
CA ASN A 124 16.60 -7.96 -4.44
C ASN A 124 16.07 -9.35 -4.13
N LEU A 125 15.08 -9.46 -3.25
CA LEU A 125 14.48 -10.77 -2.99
C LEU A 125 13.81 -11.31 -4.25
N LEU A 126 13.14 -10.46 -5.02
CA LEU A 126 12.51 -10.91 -6.26
C LEU A 126 13.55 -11.30 -7.31
N PHE A 127 14.65 -10.54 -7.40
CA PHE A 127 15.75 -10.98 -8.27
C PHE A 127 16.16 -12.41 -7.93
N GLY A 128 16.26 -12.72 -6.64
CA GLY A 128 16.63 -14.08 -6.24
C GLY A 128 15.62 -15.12 -6.72
N VAL A 129 14.33 -14.75 -6.70
CA VAL A 129 13.28 -15.67 -7.14
C VAL A 129 13.37 -15.96 -8.63
N VAL A 130 13.62 -14.92 -9.46
CA VAL A 130 13.46 -15.07 -10.91
C VAL A 130 14.73 -15.52 -11.62
N GLY A 131 15.88 -15.48 -10.97
CA GLY A 131 17.13 -15.74 -11.63
C GLY A 131 17.97 -14.51 -11.92
N GLY A 132 17.75 -13.41 -11.20
CA GLY A 132 18.64 -12.29 -11.25
C GLY A 132 18.44 -11.37 -12.44
N PRO A 133 19.31 -10.36 -12.54
CA PRO A 133 19.24 -9.44 -13.67
C PRO A 133 19.25 -10.15 -15.01
N PRO A 134 19.99 -11.25 -15.18
CA PRO A 134 19.94 -11.95 -16.48
C PRO A 134 18.54 -12.41 -16.86
N ALA A 135 17.73 -12.83 -15.90
CA ALA A 135 16.38 -13.30 -16.20
C ALA A 135 15.49 -12.15 -16.62
N VAL A 136 15.65 -10.99 -15.99
CA VAL A 136 14.89 -9.81 -16.39
C VAL A 136 15.28 -9.39 -17.80
N THR A 137 16.58 -9.38 -18.10
CA THR A 137 17.01 -9.04 -19.45
C THR A 137 16.47 -10.03 -20.46
N ALA A 138 16.51 -11.33 -20.14
CA ALA A 138 15.98 -12.33 -21.06
C ALA A 138 14.48 -12.13 -21.29
N PHE A 139 13.74 -11.78 -20.24
CA PHE A 139 12.32 -11.47 -20.41
C PHE A 139 12.14 -10.28 -21.35
N LEU A 140 12.94 -9.22 -21.16
CA LEU A 140 12.83 -8.05 -22.04
C LEU A 140 13.11 -8.43 -23.49
N ARG A 141 14.19 -9.18 -23.73
CA ARG A 141 14.53 -9.57 -25.10
C ARG A 141 13.42 -10.40 -25.72
N ALA A 142 12.89 -11.38 -24.98
CA ALA A 142 11.84 -12.23 -25.51
C ALA A 142 10.59 -11.43 -25.84
N SER A 143 10.34 -10.36 -25.10
CA SER A 143 9.18 -9.50 -25.33
C SER A 143 9.35 -8.57 -26.53
N GLY A 144 10.56 -8.46 -27.08
CA GLY A 144 10.81 -7.60 -28.23
C GLY A 144 11.60 -6.35 -27.95
N ASP A 145 12.14 -6.19 -26.73
CA ASP A 145 12.96 -5.03 -26.37
C ASP A 145 14.40 -5.49 -26.44
N THR A 146 15.14 -4.99 -27.44
CA THR A 146 16.55 -5.32 -27.65
C THR A 146 17.48 -4.29 -27.03
N VAL A 147 16.93 -3.30 -26.34
CA VAL A 147 17.66 -2.11 -25.89
C VAL A 147 17.83 -2.10 -24.37
N SER A 148 16.73 -2.18 -23.64
CA SER A 148 16.78 -2.11 -22.19
C SER A 148 17.52 -3.31 -21.62
N ARG A 149 18.21 -3.10 -20.50
CA ARG A 149 18.96 -4.20 -19.92
C ARG A 149 19.11 -4.03 -18.41
N SER A 150 18.91 -5.13 -17.70
CA SER A 150 19.11 -5.23 -16.27
C SER A 150 20.40 -6.00 -16.02
N ASP A 151 21.28 -5.44 -15.18
CA ASP A 151 22.61 -6.00 -15.00
C ASP A 151 23.00 -6.20 -13.54
N ARG A 152 22.51 -5.35 -12.65
CA ARG A 152 22.97 -5.36 -11.26
C ARG A 152 21.80 -5.34 -10.28
N LEU A 153 22.12 -5.63 -9.01
CA LEU A 153 21.18 -5.60 -7.90
C LEU A 153 21.11 -4.18 -7.30
N GLU A 154 20.18 -3.98 -6.39
CA GLU A 154 20.12 -2.74 -5.61
C GLU A 154 21.19 -2.78 -4.52
N PRO A 155 21.85 -1.64 -4.24
CA PRO A 155 21.66 -0.33 -4.86
C PRO A 155 22.62 -0.01 -6.01
N GLU A 156 23.52 -0.95 -6.34
CA GLU A 156 24.56 -0.69 -7.33
C GLU A 156 24.00 -0.38 -8.73
N LEU A 157 22.81 -0.87 -9.05
CA LEU A 157 22.27 -0.71 -10.40
C LEU A 157 22.00 0.74 -10.76
N ASN A 158 21.96 1.64 -9.79
CA ASN A 158 21.62 3.04 -10.03
C ASN A 158 22.79 3.87 -10.54
N SER A 159 23.97 3.29 -10.68
N SER A 159 23.97 3.28 -10.68
CA SER A 159 25.09 4.05 -11.23
CA SER A 159 25.10 3.99 -11.24
C SER A 159 24.90 4.26 -12.73
C SER A 159 24.85 4.27 -12.73
N PHE A 160 25.47 5.34 -13.23
CA PHE A 160 25.43 5.64 -14.64
C PHE A 160 26.76 6.26 -15.04
N ALA A 161 27.22 5.91 -16.24
CA ALA A 161 28.34 6.57 -16.88
C ALA A 161 28.09 6.55 -18.37
N LYS A 162 28.35 7.66 -19.03
CA LYS A 162 28.18 7.68 -20.47
C LYS A 162 29.02 6.57 -21.08
N GLY A 163 28.43 5.86 -22.04
CA GLY A 163 29.09 4.74 -22.68
C GLY A 163 29.01 3.43 -21.93
N ASP A 164 28.52 3.44 -20.68
CA ASP A 164 28.36 2.23 -19.89
C ASP A 164 26.88 1.87 -19.94
N PRO A 165 26.49 0.84 -20.66
CA PRO A 165 25.06 0.57 -20.88
C PRO A 165 24.40 -0.23 -19.78
N ARG A 166 25.10 -0.58 -18.70
CA ARG A 166 24.48 -1.39 -17.67
C ARG A 166 23.28 -0.70 -17.05
N ASP A 167 22.18 -1.44 -16.92
CA ASP A 167 20.98 -0.94 -16.25
C ASP A 167 20.41 0.31 -16.92
N THR A 168 20.49 0.37 -18.24
CA THR A 168 19.97 1.50 -19.00
C THR A 168 18.79 1.10 -19.88
N THR A 169 18.08 2.13 -20.32
CA THR A 169 17.05 2.03 -21.35
C THR A 169 17.11 3.30 -22.18
N THR A 170 16.24 3.40 -23.18
CA THR A 170 15.99 4.66 -23.84
C THR A 170 14.53 5.03 -23.63
N PRO A 171 14.17 6.31 -23.70
CA PRO A 171 12.75 6.66 -23.53
C PRO A 171 11.84 5.91 -24.49
N ALA A 172 12.27 5.72 -25.73
CA ALA A 172 11.42 5.07 -26.73
C ALA A 172 11.35 3.56 -26.50
N ALA A 173 12.46 2.93 -26.12
CA ALA A 173 12.43 1.50 -25.85
C ALA A 173 11.53 1.19 -24.67
N MET A 174 11.65 1.98 -23.59
CA MET A 174 10.81 1.75 -22.42
C MET A 174 9.35 2.04 -22.73
N ALA A 175 9.06 3.05 -23.56
CA ALA A 175 7.66 3.33 -23.89
C ALA A 175 7.05 2.16 -24.66
N ALA A 176 7.78 1.62 -25.64
CA ALA A 176 7.27 0.49 -26.40
C ALA A 176 7.08 -0.72 -25.49
N THR A 177 8.00 -0.93 -24.55
CA THR A 177 7.89 -2.05 -23.63
C THR A 177 6.69 -1.91 -22.69
N LEU A 178 6.44 -0.71 -22.17
CA LEU A 178 5.24 -0.53 -21.37
C LEU A 178 4.00 -0.85 -22.19
N GLN A 179 3.96 -0.45 -23.46
CA GLN A 179 2.81 -0.80 -24.28
C GLN A 179 2.67 -2.31 -24.41
N ARG A 180 3.75 -3.01 -24.79
CA ARG A 180 3.63 -4.45 -25.02
C ARG A 180 3.27 -5.22 -23.76
N VAL A 181 3.83 -4.81 -22.62
CA VAL A 181 3.70 -5.58 -21.37
C VAL A 181 2.48 -5.16 -20.56
N VAL A 182 2.24 -3.85 -20.42
CA VAL A 182 1.14 -3.39 -19.58
C VAL A 182 -0.18 -3.36 -20.36
N LEU A 183 -0.12 -3.20 -21.68
CA LEU A 183 -1.32 -3.10 -22.50
C LEU A 183 -1.50 -4.24 -23.48
N GLY A 184 -0.40 -4.86 -23.90
CA GLY A 184 -0.40 -5.85 -24.97
C GLY A 184 -0.51 -7.28 -24.48
N GLU A 185 0.09 -8.18 -25.26
CA GLU A 185 -0.09 -9.62 -25.15
C GLU A 185 1.11 -10.36 -24.59
N VAL A 186 2.11 -9.66 -24.05
CA VAL A 186 3.27 -10.34 -23.49
C VAL A 186 2.86 -11.21 -22.31
N LEU A 187 1.97 -10.70 -21.46
CA LEU A 187 1.43 -11.40 -20.30
C LEU A 187 -0.02 -11.79 -20.58
N GLN A 188 -0.49 -12.80 -19.85
CA GLN A 188 -1.90 -13.15 -19.90
C GLN A 188 -2.74 -12.01 -19.30
N PRO A 189 -4.03 -11.93 -19.66
CA PRO A 189 -4.84 -10.78 -19.21
C PRO A 189 -4.83 -10.53 -17.71
N ALA A 190 -5.00 -11.56 -16.89
CA ALA A 190 -5.03 -11.35 -15.45
C ALA A 190 -3.70 -10.85 -14.93
N SER A 191 -2.60 -11.30 -15.54
CA SER A 191 -1.26 -10.84 -15.15
C SER A 191 -1.06 -9.38 -15.50
N ARG A 192 -1.39 -9.01 -16.74
CA ARG A 192 -1.23 -7.63 -17.16
C ARG A 192 -2.11 -6.70 -16.33
N GLN A 193 -3.33 -7.14 -15.99
CA GLN A 193 -4.20 -6.28 -15.18
C GLN A 193 -3.63 -6.09 -13.77
N GLN A 194 -3.04 -7.15 -13.19
CA GLN A 194 -2.42 -7.01 -11.88
C GLN A 194 -1.27 -6.01 -11.92
N LEU A 195 -0.44 -6.08 -12.96
CA LEU A 195 0.67 -5.14 -13.10
C LEU A 195 0.16 -3.72 -13.29
N ALA A 196 -0.83 -3.54 -14.16
CA ALA A 196 -1.43 -2.21 -14.34
C ALA A 196 -1.93 -1.66 -13.01
N ASP A 197 -2.57 -2.50 -12.19
CA ASP A 197 -3.12 -2.03 -10.93
C ASP A 197 -2.01 -1.58 -9.98
N TRP A 198 -0.90 -2.31 -9.92
CA TRP A 198 0.24 -1.88 -9.12
C TRP A 198 0.74 -0.50 -9.55
N LEU A 199 0.87 -0.29 -10.87
CA LEU A 199 1.31 1.01 -11.37
C LEU A 199 0.30 2.11 -11.03
N ILE A 200 -1.00 1.81 -11.16
CA ILE A 200 -2.02 2.78 -10.81
C ILE A 200 -1.91 3.18 -9.34
N ASP A 201 -1.54 2.22 -8.49
CA ASP A 201 -1.44 2.42 -7.04
C ASP A 201 -0.12 3.03 -6.59
N ASN A 202 0.78 3.38 -7.51
CA ASN A 202 2.09 3.89 -7.09
C ASN A 202 1.95 5.11 -6.18
N GLU A 203 2.80 5.16 -5.14
CA GLU A 203 2.76 6.20 -4.14
C GLU A 203 3.89 7.20 -4.23
N THR A 204 4.87 6.99 -5.11
CA THR A 204 6.08 7.81 -5.11
C THR A 204 6.07 8.90 -6.17
N GLY A 205 5.04 8.99 -6.99
CA GLY A 205 5.08 9.90 -8.13
C GLY A 205 4.17 11.10 -8.06
N ASP A 206 3.70 11.49 -6.87
CA ASP A 206 2.70 12.55 -6.79
C ASP A 206 3.22 13.89 -7.26
N ALA A 207 4.52 14.14 -7.15
CA ALA A 207 5.11 15.41 -7.56
C ALA A 207 5.71 15.36 -8.95
N CYS A 208 5.61 14.25 -9.64
CA CYS A 208 6.28 14.03 -10.93
C CYS A 208 5.25 14.13 -12.05
N LEU A 209 5.19 13.16 -12.98
CA LEU A 209 4.29 13.31 -14.13
C LEU A 209 2.86 13.57 -13.70
N ARG A 210 2.38 12.86 -12.67
CA ARG A 210 1.00 13.01 -12.20
C ARG A 210 0.66 14.46 -11.89
N ALA A 211 1.61 15.22 -11.36
CA ALA A 211 1.33 16.60 -10.96
C ALA A 211 1.05 17.50 -12.16
N GLY A 212 1.45 17.08 -13.35
CA GLY A 212 1.22 17.86 -14.56
C GLY A 212 0.11 17.34 -15.44
N LEU A 213 -0.50 16.20 -15.11
CA LEU A 213 -1.53 15.58 -15.93
C LEU A 213 -2.92 15.82 -15.36
N GLY A 214 -3.86 16.18 -16.25
CA GLY A 214 -5.19 16.52 -15.79
C GLY A 214 -6.06 15.31 -15.45
N LYS A 215 -7.24 15.63 -14.90
CA LYS A 215 -8.15 14.62 -14.37
C LYS A 215 -8.68 13.69 -15.45
N ARG A 216 -8.53 14.05 -16.72
CA ARG A 216 -9.01 13.18 -17.80
C ARG A 216 -8.24 11.87 -17.89
N TRP A 217 -7.12 11.74 -17.19
CA TRP A 217 -6.26 10.55 -17.29
C TRP A 217 -6.29 9.79 -15.99
N ARG A 218 -6.47 8.47 -16.08
CA ARG A 218 -6.09 7.56 -15.01
C ARG A 218 -4.63 7.18 -15.26
N VAL A 219 -3.77 7.40 -14.27
CA VAL A 219 -2.33 7.25 -14.46
C VAL A 219 -1.84 6.05 -13.66
N GLY A 220 -1.00 5.23 -14.29
CA GLY A 220 -0.12 4.31 -13.58
C GLY A 220 1.32 4.69 -13.86
N ASP A 221 2.19 4.63 -12.85
CA ASP A 221 3.55 5.07 -13.08
C ASP A 221 4.53 4.35 -12.17
N LYS A 222 5.81 4.46 -12.53
CA LYS A 222 6.93 4.02 -11.70
C LYS A 222 8.04 5.05 -11.82
N THR A 223 8.53 5.52 -10.67
CA THR A 223 9.59 6.51 -10.62
C THR A 223 10.97 5.85 -10.46
N GLY A 224 12.00 6.67 -10.63
CA GLY A 224 13.35 6.27 -10.26
C GLY A 224 14.19 7.50 -9.98
N SER A 225 15.29 7.27 -9.26
CA SER A 225 16.21 8.35 -8.94
C SER A 225 17.54 7.79 -8.48
N ASN A 226 18.56 8.64 -8.50
CA ASN A 226 19.80 8.34 -7.76
C ASN A 226 20.23 9.59 -7.01
N GLY A 227 21.30 9.48 -6.22
CA GLY A 227 21.75 10.59 -5.42
C GLY A 227 22.59 11.62 -6.15
N GLU A 228 22.96 11.34 -7.39
CA GLU A 228 23.82 12.24 -8.17
C GLU A 228 23.00 13.25 -8.97
N ASP A 229 22.23 12.76 -9.94
CA ASP A 229 21.52 13.70 -10.81
C ASP A 229 20.29 13.13 -11.49
N ALA A 230 19.96 11.86 -11.28
CA ALA A 230 18.93 11.20 -12.09
C ALA A 230 17.57 11.27 -11.42
N ARG A 231 16.52 11.60 -12.18
CA ARG A 231 15.16 11.49 -11.67
C ARG A 231 14.27 11.13 -12.88
N ASN A 232 13.53 10.03 -12.76
CA ASN A 232 12.81 9.45 -13.87
C ASN A 232 11.36 9.14 -13.46
N ASP A 233 10.49 9.08 -14.45
CA ASP A 233 9.11 8.63 -14.22
C ASP A 233 8.58 8.09 -15.53
N ILE A 234 7.99 6.90 -15.49
CA ILE A 234 7.40 6.28 -16.68
C ILE A 234 5.94 5.96 -16.37
N ALA A 235 5.06 6.24 -17.32
CA ALA A 235 3.63 6.23 -17.03
C ALA A 235 2.81 5.69 -18.19
N VAL A 236 1.69 5.07 -17.84
CA VAL A 236 0.63 4.73 -18.77
C VAL A 236 -0.56 5.61 -18.42
N LEU A 237 -1.16 6.21 -19.46
CA LEU A 237 -2.27 7.15 -19.31
C LEU A 237 -3.50 6.53 -19.96
N TRP A 238 -4.48 6.15 -19.15
CA TRP A 238 -5.74 5.66 -19.68
C TRP A 238 -6.76 6.78 -19.69
N PRO A 239 -7.40 7.08 -20.81
CA PRO A 239 -8.43 8.13 -20.82
C PRO A 239 -9.67 7.64 -20.07
N VAL A 240 -10.09 8.40 -19.05
CA VAL A 240 -11.25 7.99 -18.26
C VAL A 240 -12.51 7.93 -19.12
N ALA A 241 -12.58 8.75 -20.17
CA ALA A 241 -13.74 8.75 -21.06
C ALA A 241 -13.68 7.66 -22.12
N GLY A 242 -12.66 6.82 -22.10
CA GLY A 242 -12.49 5.80 -23.11
C GLY A 242 -11.60 6.25 -24.26
N GLY A 243 -11.11 5.27 -25.00
CA GLY A 243 -10.21 5.50 -26.11
C GLY A 243 -8.86 4.85 -25.85
N ALA A 244 -7.96 5.07 -26.79
CA ALA A 244 -6.67 4.40 -26.72
C ALA A 244 -5.79 5.04 -25.63
N PRO A 245 -5.07 4.23 -24.87
CA PRO A 245 -4.12 4.80 -23.90
C PRO A 245 -2.94 5.45 -24.59
N TRP A 246 -2.24 6.26 -23.82
CA TRP A 246 -0.96 6.83 -24.20
C TRP A 246 0.09 6.36 -23.19
N VAL A 247 1.34 6.39 -23.61
CA VAL A 247 2.47 6.04 -22.76
C VAL A 247 3.42 7.23 -22.74
N LEU A 248 3.91 7.60 -21.56
CA LEU A 248 4.76 8.77 -21.39
C LEU A 248 5.96 8.36 -20.55
N THR A 249 7.16 8.38 -21.13
CA THR A 249 8.37 8.07 -20.40
C THR A 249 9.22 9.34 -20.31
N ALA A 250 9.84 9.54 -19.14
CA ALA A 250 10.63 10.73 -18.89
C ALA A 250 11.84 10.36 -18.05
N TYR A 251 13.03 10.60 -18.61
CA TYR A 251 14.30 10.32 -17.95
C TYR A 251 15.07 11.63 -17.90
N LEU A 252 15.52 12.02 -16.72
CA LEU A 252 16.21 13.30 -16.56
C LEU A 252 17.52 13.09 -15.82
N GLN A 253 18.58 13.73 -16.29
CA GLN A 253 19.79 13.95 -15.51
C GLN A 253 19.99 15.45 -15.42
N ALA A 254 19.98 15.98 -14.20
CA ALA A 254 20.08 17.43 -14.02
C ALA A 254 20.74 17.71 -12.66
N GLY A 255 22.07 17.61 -12.66
CA GLY A 255 22.81 17.77 -11.43
C GLY A 255 22.88 19.19 -10.90
N ALA A 256 22.58 20.19 -11.73
CA ALA A 256 22.70 21.58 -11.30
C ALA A 256 21.47 22.08 -10.54
N ILE A 257 20.41 21.28 -10.48
CA ILE A 257 19.21 21.65 -9.76
C ILE A 257 18.99 20.65 -8.63
N SER A 258 18.07 20.97 -7.73
CA SER A 258 17.83 20.13 -6.56
C SER A 258 16.91 18.95 -6.91
N TYR A 259 16.88 17.97 -6.01
CA TYR A 259 15.98 16.84 -6.13
C TYR A 259 14.54 17.32 -6.34
N GLU A 260 14.11 18.28 -5.53
CA GLU A 260 12.75 18.80 -5.64
C GLU A 260 12.52 19.48 -6.99
N GLN A 261 13.51 20.23 -7.47
CA GLN A 261 13.39 20.86 -8.79
C GLN A 261 13.32 19.81 -9.90
N ARG A 262 13.98 18.66 -9.71
CA ARG A 262 13.87 17.60 -10.70
C ARG A 262 12.44 17.09 -10.81
N ALA A 263 11.74 16.95 -9.68
CA ALA A 263 10.32 16.63 -9.75
C ALA A 263 9.55 17.69 -10.53
N SER A 264 9.86 18.97 -10.30
N SER A 264 9.86 18.97 -10.30
CA SER A 264 9.17 20.04 -11.01
CA SER A 264 9.15 20.02 -11.02
C SER A 264 9.37 19.91 -12.52
C SER A 264 9.38 19.93 -12.52
N VAL A 265 10.56 19.47 -12.94
CA VAL A 265 10.80 19.26 -14.37
C VAL A 265 9.88 18.15 -14.89
N LEU A 266 9.79 17.04 -14.15
CA LEU A 266 8.94 15.94 -14.60
C LEU A 266 7.46 16.35 -14.62
N ALA A 267 7.01 17.14 -13.64
CA ALA A 267 5.65 17.65 -13.70
C ALA A 267 5.43 18.48 -14.96
N GLN A 268 6.42 19.30 -15.32
CA GLN A 268 6.30 20.11 -16.54
C GLN A 268 6.27 19.25 -17.79
N VAL A 269 7.01 18.13 -17.81
CA VAL A 269 6.85 17.16 -18.90
C VAL A 269 5.39 16.76 -19.02
N GLY A 270 4.75 16.45 -17.89
CA GLY A 270 3.34 16.08 -17.93
C GLY A 270 2.47 17.18 -18.50
N ARG A 271 2.69 18.43 -18.08
CA ARG A 271 1.87 19.54 -18.58
C ARG A 271 2.04 19.70 -20.08
N ILE A 272 3.28 19.64 -20.56
CA ILE A 272 3.53 19.76 -22.00
C ILE A 272 2.86 18.61 -22.74
N ALA A 273 3.05 17.39 -22.24
CA ALA A 273 2.46 16.22 -22.91
C ALA A 273 0.94 16.32 -22.97
N ASP A 274 0.31 16.75 -21.89
CA ASP A 274 -1.16 16.84 -21.87
C ASP A 274 -1.65 17.80 -22.96
N ARG A 275 -0.95 18.92 -23.14
CA ARG A 275 -1.34 19.86 -24.17
C ARG A 275 -1.10 19.29 -25.57
N LEU A 276 -0.04 18.49 -25.74
CA LEU A 276 0.27 17.92 -27.04
C LEU A 276 -0.73 16.85 -27.44
N ILE A 277 -1.37 16.19 -26.46
CA ILE A 277 -2.39 15.21 -26.79
C ILE A 277 -3.64 15.92 -27.28
N GLY A 278 -4.09 16.93 -26.55
CA GLY A 278 -5.18 17.76 -27.01
C GLY A 278 -6.54 17.18 -26.69
N ASN B 9 -5.51 22.19 26.76
CA ASN B 9 -4.78 21.42 25.78
C ASN B 9 -3.52 20.79 26.39
N ALA B 10 -2.65 21.64 26.83
CA ALA B 10 -1.47 21.18 27.47
C ALA B 10 -1.83 20.30 28.68
N PRO B 11 -2.67 20.80 29.66
CA PRO B 11 -2.90 19.91 30.82
C PRO B 11 -3.43 18.54 30.44
N THR B 12 -4.41 18.45 29.55
CA THR B 12 -4.92 17.14 29.14
C THR B 12 -3.83 16.28 28.54
N ASP B 13 -2.97 16.87 27.70
CA ASP B 13 -1.87 16.09 27.12
C ASP B 13 -0.95 15.57 28.21
N ALA B 14 -0.63 16.42 29.19
CA ALA B 14 0.21 15.97 30.29
C ALA B 14 -0.49 14.91 31.12
N ALA B 15 -1.79 15.07 31.36
CA ALA B 15 -2.52 14.10 32.17
C ALA B 15 -2.58 12.75 31.48
N ILE B 16 -2.69 12.73 30.15
CA ILE B 16 -2.70 11.47 29.38
C ILE B 16 -1.34 10.75 29.56
N THR B 17 -0.29 11.51 29.39
CA THR B 17 1.08 10.99 29.60
C THR B 17 1.34 10.53 31.02
N ALA B 18 0.77 11.18 32.08
CA ALA B 18 1.01 10.73 33.44
C ALA B 18 0.16 9.53 33.86
N ALA B 19 -0.88 9.19 33.11
CA ALA B 19 -1.76 8.11 33.53
C ALA B 19 -0.99 6.80 33.49
N SER B 20 -0.96 6.09 34.61
CA SER B 20 -0.18 4.86 34.72
C SER B 20 -1.06 3.61 34.71
N ASP B 21 -2.38 3.78 34.70
CA ASP B 21 -3.28 2.65 34.61
C ASP B 21 -4.49 3.07 33.79
N PHE B 22 -5.23 2.06 33.31
CA PHE B 22 -6.31 2.33 32.39
C PHE B 22 -7.39 3.19 33.04
N ALA B 23 -7.71 2.93 34.31
CA ALA B 23 -8.74 3.73 34.98
C ALA B 23 -8.32 5.19 35.08
N ALA B 24 -7.06 5.46 35.40
CA ALA B 24 -6.57 6.84 35.49
C ALA B 24 -6.52 7.51 34.13
N LEU B 25 -6.19 6.76 33.09
CA LEU B 25 -6.16 7.31 31.74
C LEU B 25 -7.56 7.70 31.29
N GLU B 26 -8.55 6.86 31.57
CA GLU B 26 -9.94 7.19 31.28
C GLU B 26 -10.34 8.49 31.98
N LYS B 27 -9.99 8.62 33.27
CA LYS B 27 -10.36 9.81 34.01
C LYS B 27 -9.66 11.04 33.42
N ALA B 28 -8.42 10.86 32.94
CA ALA B 28 -7.63 11.96 32.41
C ALA B 28 -8.25 12.59 31.18
N CYS B 29 -8.95 11.81 30.35
CA CYS B 29 -9.58 12.35 29.15
C CYS B 29 -11.08 12.51 29.30
N ALA B 30 -11.60 12.27 30.51
CA ALA B 30 -13.03 12.36 30.80
C ALA B 30 -13.85 11.48 29.87
N GLY B 31 -13.30 10.32 29.51
CA GLY B 31 -13.88 9.46 28.51
C GLY B 31 -14.41 8.14 29.06
N ARG B 32 -14.66 7.22 28.14
CA ARG B 32 -15.00 5.83 28.45
C ARG B 32 -14.05 4.95 27.67
N LEU B 33 -13.24 4.16 28.38
CA LEU B 33 -12.15 3.41 27.80
C LEU B 33 -12.33 1.92 28.08
N GLY B 34 -12.29 1.11 27.02
CA GLY B 34 -12.36 -0.33 27.15
C GLY B 34 -11.10 -0.97 26.61
N VAL B 35 -10.41 -1.75 27.44
CA VAL B 35 -9.13 -2.35 27.05
C VAL B 35 -9.11 -3.80 27.50
N THR B 36 -8.61 -4.68 26.63
CA THR B 36 -8.19 -6.02 27.04
C THR B 36 -6.76 -6.24 26.57
N LEU B 37 -5.89 -6.58 27.51
CA LEU B 37 -4.56 -7.10 27.21
C LEU B 37 -4.60 -8.59 27.50
N LEU B 38 -4.41 -9.41 26.46
CA LEU B 38 -4.59 -10.85 26.54
C LEU B 38 -3.24 -11.54 26.34
N ASP B 39 -2.85 -12.34 27.34
CA ASP B 39 -1.64 -13.15 27.29
C ASP B 39 -2.01 -14.47 26.63
N THR B 40 -1.55 -14.70 25.39
CA THR B 40 -2.04 -15.89 24.70
C THR B 40 -1.47 -17.18 25.27
N ALA B 41 -0.34 -17.10 25.99
CA ALA B 41 0.23 -18.32 26.56
C ALA B 41 -0.64 -18.87 27.69
N SER B 42 -1.20 -17.98 28.51
CA SER B 42 -1.93 -18.38 29.71
C SER B 42 -3.43 -18.12 29.62
N GLY B 43 -3.88 -17.26 28.71
CA GLY B 43 -5.25 -16.80 28.70
C GLY B 43 -5.57 -15.69 29.67
N ARG B 44 -4.64 -15.31 30.52
CA ARG B 44 -4.92 -14.27 31.48
C ARG B 44 -5.07 -12.88 30.83
N ARG B 45 -5.98 -12.10 31.38
CA ARG B 45 -6.29 -10.79 30.85
C ARG B 45 -6.13 -9.72 31.92
N ILE B 46 -5.73 -8.53 31.49
CA ILE B 46 -5.75 -7.32 32.30
C ILE B 46 -6.48 -6.29 31.45
N GLY B 47 -7.33 -5.48 32.08
CA GLY B 47 -7.98 -4.48 31.29
C GLY B 47 -8.94 -3.59 32.05
N HIS B 48 -9.93 -3.07 31.33
CA HIS B 48 -10.83 -2.08 31.88
C HIS B 48 -12.09 -2.11 31.03
N ARG B 49 -13.26 -2.16 31.68
CA ARG B 49 -14.54 -2.23 30.97
C ARG B 49 -14.51 -3.31 29.88
N GLN B 50 -13.94 -4.47 30.22
CA GLN B 50 -13.65 -5.49 29.23
C GLN B 50 -14.90 -6.09 28.60
N ASP B 51 -16.04 -6.02 29.28
CA ASP B 51 -17.26 -6.65 28.79
C ASP B 51 -18.35 -5.63 28.47
N GLU B 52 -17.99 -4.35 28.33
CA GLU B 52 -18.92 -3.33 27.87
C GLU B 52 -18.85 -3.19 26.36
N ARG B 53 -19.99 -2.86 25.75
CA ARG B 53 -20.05 -2.69 24.31
C ARG B 53 -19.53 -1.33 23.88
N PHE B 54 -18.80 -1.33 22.76
CA PHE B 54 -18.29 -0.16 22.08
C PHE B 54 -18.54 -0.33 20.59
N PRO B 55 -18.65 0.76 19.83
CA PRO B 55 -18.77 0.63 18.38
C PRO B 55 -17.47 0.11 17.79
N MET B 56 -17.55 -0.90 16.92
CA MET B 56 -16.34 -1.38 16.27
C MET B 56 -15.71 -0.32 15.38
N CYS B 57 -16.54 0.49 14.73
CA CYS B 57 -16.08 1.31 13.61
C CYS B 57 -15.22 0.44 12.70
N SER B 58 -14.15 0.97 12.13
CA SER B 58 -13.42 0.19 11.13
C SER B 58 -12.66 -1.00 11.70
N THR B 59 -12.63 -1.21 13.02
CA THR B 59 -11.97 -2.43 13.50
C THR B 59 -12.67 -3.68 12.96
N PHE B 60 -13.95 -3.58 12.56
CA PHE B 60 -14.63 -4.74 12.00
C PHE B 60 -13.97 -5.22 10.70
N LYS B 61 -13.22 -4.35 10.02
CA LYS B 61 -12.68 -4.71 8.71
C LYS B 61 -11.71 -5.88 8.81
N SER B 62 -11.06 -6.04 9.96
CA SER B 62 -10.23 -7.23 10.18
C SER B 62 -11.03 -8.51 9.96
N MET B 63 -12.28 -8.50 10.42
CA MET B 63 -13.15 -9.67 10.34
C MET B 63 -13.88 -9.79 9.03
N LEU B 64 -14.14 -8.66 8.35
CA LEU B 64 -14.60 -8.73 6.97
C LEU B 64 -13.55 -9.39 6.08
N ALA B 65 -12.29 -8.96 6.20
CA ALA B 65 -11.22 -9.60 5.45
C ALA B 65 -11.10 -11.08 5.80
N ALA B 66 -11.22 -11.43 7.09
CA ALA B 66 -11.16 -12.84 7.46
C ALA B 66 -12.32 -13.62 6.85
N THR B 67 -13.52 -13.01 6.79
CA THR B 67 -14.65 -13.68 6.15
C THR B 67 -14.36 -13.97 4.67
N VAL B 68 -13.79 -13.00 3.96
CA VAL B 68 -13.41 -13.19 2.57
C VAL B 68 -12.42 -14.33 2.44
N LEU B 69 -11.36 -14.31 3.26
CA LEU B 69 -10.34 -15.35 3.19
C LEU B 69 -10.94 -16.71 3.46
N SER B 70 -11.85 -16.79 4.43
CA SER B 70 -12.49 -18.06 4.76
C SER B 70 -13.31 -18.57 3.59
N GLN B 71 -14.10 -17.70 2.96
CA GLN B 71 -14.88 -18.11 1.79
C GLN B 71 -13.97 -18.57 0.66
N ALA B 72 -12.82 -17.91 0.48
CA ALA B 72 -11.90 -18.28 -0.59
C ALA B 72 -11.34 -19.69 -0.40
N GLU B 73 -11.27 -20.16 0.85
CA GLU B 73 -10.80 -21.52 1.10
C GLU B 73 -11.73 -22.56 0.50
N ARG B 74 -12.99 -22.23 0.28
CA ARG B 74 -13.93 -23.15 -0.34
C ARG B 74 -14.36 -22.68 -1.74
N MET B 75 -13.84 -21.58 -2.25
N MET B 75 -13.85 -21.58 -2.26
CA MET B 75 -14.15 -21.04 -3.57
CA MET B 75 -14.15 -21.04 -3.58
C MET B 75 -12.85 -20.74 -4.26
C MET B 75 -12.84 -20.74 -4.25
N PRO B 76 -12.34 -21.71 -5.01
CA PRO B 76 -11.04 -21.52 -5.66
C PRO B 76 -11.03 -20.27 -6.51
N ALA B 77 -9.96 -19.50 -6.39
CA ALA B 77 -9.73 -18.31 -7.20
C ALA B 77 -10.58 -17.12 -6.79
N LEU B 78 -11.34 -17.20 -5.69
CA LEU B 78 -12.12 -16.04 -5.25
C LEU B 78 -11.24 -14.82 -5.07
N LEU B 79 -10.04 -14.99 -4.51
CA LEU B 79 -9.20 -13.84 -4.25
C LEU B 79 -8.75 -13.15 -5.54
N ASP B 80 -8.70 -13.89 -6.65
CA ASP B 80 -8.31 -13.32 -7.93
C ASP B 80 -9.50 -12.75 -8.71
N ARG B 81 -10.71 -12.95 -8.23
CA ARG B 81 -11.89 -12.42 -8.91
C ARG B 81 -11.84 -10.90 -8.90
N ARG B 82 -12.24 -10.30 -10.01
CA ARG B 82 -12.23 -8.84 -10.12
C ARG B 82 -13.64 -8.26 -9.90
N VAL B 83 -13.69 -7.19 -9.12
CA VAL B 83 -14.94 -6.56 -8.70
C VAL B 83 -14.96 -5.17 -9.30
N PRO B 84 -16.00 -4.79 -10.06
CA PRO B 84 -16.04 -3.43 -10.61
C PRO B 84 -16.14 -2.38 -9.51
N VAL B 85 -15.41 -1.29 -9.70
CA VAL B 85 -15.52 -0.10 -8.86
C VAL B 85 -16.25 0.94 -9.67
N GLY B 86 -17.49 1.24 -9.28
CA GLY B 86 -18.28 2.23 -9.98
C GLY B 86 -18.27 3.58 -9.30
N GLU B 87 -18.59 4.61 -10.07
CA GLU B 87 -18.74 5.96 -9.51
C GLU B 87 -19.65 5.94 -8.29
N ALA B 88 -20.78 5.24 -8.40
CA ALA B 88 -21.76 5.24 -7.32
C ALA B 88 -21.25 4.56 -6.06
N ASP B 89 -20.20 3.75 -6.16
CA ASP B 89 -19.66 3.09 -4.98
C ASP B 89 -18.75 3.99 -4.16
N LEU B 90 -18.27 5.09 -4.74
CA LEU B 90 -17.25 5.90 -4.09
C LEU B 90 -17.85 6.68 -2.92
N LEU B 91 -17.12 6.68 -1.82
CA LEU B 91 -17.46 7.41 -0.61
C LEU B 91 -16.36 8.43 -0.33
N SER B 92 -16.59 9.28 0.68
N SER B 92 -16.59 9.31 0.65
CA SER B 92 -15.61 10.32 0.97
CA SER B 92 -15.59 10.32 0.96
C SER B 92 -14.24 9.73 1.29
C SER B 92 -14.20 9.74 1.28
N HIS B 93 -14.20 8.63 2.03
CA HIS B 93 -12.93 7.98 2.36
C HIS B 93 -12.79 6.73 1.50
N ALA B 94 -12.09 6.88 0.36
CA ALA B 94 -11.87 5.80 -0.60
C ALA B 94 -10.51 5.99 -1.25
N PRO B 95 -9.44 6.01 -0.45
CA PRO B 95 -8.13 6.44 -0.99
C PRO B 95 -7.57 5.53 -2.07
N VAL B 96 -7.81 4.22 -1.98
CA VAL B 96 -7.30 3.29 -2.99
C VAL B 96 -8.29 3.13 -4.12
N THR B 97 -9.54 2.84 -3.78
CA THR B 97 -10.53 2.53 -4.81
C THR B 97 -10.83 3.72 -5.71
N ARG B 98 -10.65 4.96 -5.23
CA ARG B 98 -10.96 6.10 -6.10
C ARG B 98 -10.12 6.09 -7.37
N ARG B 99 -8.90 5.58 -7.32
CA ARG B 99 -8.06 5.49 -8.51
C ARG B 99 -8.57 4.49 -9.55
N HIS B 100 -9.50 3.61 -9.12
CA HIS B 100 -9.98 2.51 -9.96
C HIS B 100 -11.44 2.68 -10.36
N ALA B 101 -12.03 3.85 -10.14
CA ALA B 101 -13.41 4.08 -10.56
C ALA B 101 -13.50 3.95 -12.07
N GLY B 102 -14.46 3.16 -12.53
CA GLY B 102 -14.62 2.86 -13.93
C GLY B 102 -13.86 1.65 -14.42
N LYS B 103 -13.08 0.99 -13.55
CA LYS B 103 -12.46 -0.28 -13.86
C LYS B 103 -12.73 -1.25 -12.70
N ASP B 104 -11.87 -2.25 -12.50
CA ASP B 104 -12.11 -3.23 -11.45
C ASP B 104 -10.83 -3.49 -10.65
N MET B 105 -10.98 -4.22 -9.54
CA MET B 105 -9.88 -4.56 -8.64
C MET B 105 -10.07 -6.00 -8.19
N THR B 106 -8.97 -6.69 -7.90
CA THR B 106 -9.12 -8.04 -7.36
C THR B 106 -9.67 -7.99 -5.94
N VAL B 107 -10.37 -9.07 -5.56
CA VAL B 107 -10.84 -9.21 -4.18
C VAL B 107 -9.69 -9.12 -3.20
N ARG B 108 -8.56 -9.76 -3.51
CA ARG B 108 -7.40 -9.69 -2.62
C ARG B 108 -6.93 -8.25 -2.42
N ASP B 109 -6.90 -7.47 -3.50
CA ASP B 109 -6.44 -6.09 -3.39
C ASP B 109 -7.45 -5.21 -2.66
N LEU B 110 -8.75 -5.50 -2.80
CA LEU B 110 -9.74 -4.81 -1.98
C LEU B 110 -9.55 -5.11 -0.49
N CYS B 111 -9.25 -6.36 -0.15
CA CYS B 111 -8.98 -6.71 1.25
C CYS B 111 -7.80 -5.91 1.79
N ARG B 112 -6.69 -5.90 1.05
CA ARG B 112 -5.53 -5.16 1.51
C ARG B 112 -5.87 -3.69 1.71
N ALA B 113 -6.55 -3.10 0.73
CA ALA B 113 -6.88 -1.67 0.81
C ALA B 113 -7.72 -1.37 2.05
N THR B 114 -8.73 -2.19 2.32
CA THR B 114 -9.60 -1.87 3.44
C THR B 114 -8.89 -2.04 4.78
N ILE B 115 -7.95 -2.99 4.89
CA ILE B 115 -7.21 -3.14 6.15
C ILE B 115 -6.22 -2.00 6.34
N ILE B 116 -5.38 -1.73 5.34
CA ILE B 116 -4.22 -0.88 5.59
C ILE B 116 -4.51 0.61 5.44
N THR B 117 -5.58 0.99 4.73
CA THR B 117 -5.99 2.38 4.59
C THR B 117 -7.36 2.66 5.17
N SER B 118 -8.11 1.63 5.54
CA SER B 118 -9.49 1.78 6.01
C SER B 118 -10.46 2.21 4.90
N ASP B 119 -10.10 2.02 3.64
CA ASP B 119 -10.94 2.42 2.50
C ASP B 119 -12.37 1.92 2.67
N ASN B 120 -13.33 2.84 2.70
CA ASN B 120 -14.73 2.50 2.98
C ASN B 120 -15.41 1.89 1.77
N THR B 121 -15.10 2.39 0.58
CA THR B 121 -15.66 1.79 -0.63
C THR B 121 -15.20 0.36 -0.79
N ALA B 122 -13.92 0.09 -0.51
CA ALA B 122 -13.44 -1.29 -0.57
C ALA B 122 -14.23 -2.20 0.34
N ALA B 123 -14.53 -1.74 1.57
CA ALA B 123 -15.31 -2.56 2.49
C ALA B 123 -16.70 -2.85 1.94
N ASN B 124 -17.39 -1.84 1.41
CA ASN B 124 -18.72 -2.10 0.88
C ASN B 124 -18.68 -3.06 -0.29
N LEU B 125 -17.66 -2.95 -1.15
CA LEU B 125 -17.53 -3.90 -2.25
C LEU B 125 -17.29 -5.32 -1.72
N LEU B 126 -16.50 -5.45 -0.66
CA LEU B 126 -16.26 -6.77 -0.09
C LEU B 126 -17.51 -7.33 0.58
N PHE B 127 -18.30 -6.47 1.25
CA PHE B 127 -19.60 -6.92 1.75
C PHE B 127 -20.41 -7.55 0.61
N GLY B 128 -20.37 -6.94 -0.58
CA GLY B 128 -21.08 -7.50 -1.72
C GLY B 128 -20.56 -8.86 -2.16
N VAL B 129 -19.27 -9.09 -2.02
CA VAL B 129 -18.69 -10.39 -2.36
C VAL B 129 -19.19 -11.48 -1.42
N VAL B 130 -19.22 -11.19 -0.12
CA VAL B 130 -19.46 -12.24 0.88
C VAL B 130 -20.92 -12.44 1.22
N GLY B 131 -21.80 -11.54 0.83
CA GLY B 131 -23.19 -11.62 1.22
C GLY B 131 -23.59 -10.67 2.33
N GLY B 132 -22.86 -9.58 2.54
CA GLY B 132 -23.27 -8.52 3.43
C GLY B 132 -22.94 -8.74 4.89
N PRO B 133 -23.35 -7.79 5.73
CA PRO B 133 -23.09 -7.89 7.17
C PRO B 133 -23.54 -9.22 7.75
N PRO B 134 -24.66 -9.81 7.31
CA PRO B 134 -25.04 -11.11 7.87
C PRO B 134 -23.97 -12.18 7.69
N ALA B 135 -23.23 -12.15 6.59
CA ALA B 135 -22.19 -13.16 6.37
C ALA B 135 -21.02 -12.95 7.33
N VAL B 136 -20.67 -11.70 7.63
CA VAL B 136 -19.62 -11.45 8.60
C VAL B 136 -20.05 -11.89 9.99
N THR B 137 -21.29 -11.60 10.37
CA THR B 137 -21.79 -12.07 11.66
C THR B 137 -21.78 -13.59 11.71
N ALA B 138 -22.20 -14.25 10.62
CA ALA B 138 -22.21 -15.71 10.61
C ALA B 138 -20.80 -16.28 10.78
N PHE B 139 -19.81 -15.65 10.13
CA PHE B 139 -18.42 -16.05 10.32
C PHE B 139 -18.01 -15.89 11.79
N LEU B 140 -18.35 -14.76 12.38
CA LEU B 140 -18.00 -14.54 13.78
C LEU B 140 -18.63 -15.60 14.68
N ARG B 141 -19.93 -15.86 14.48
CA ARG B 141 -20.60 -16.87 15.29
C ARG B 141 -19.97 -18.25 15.09
N ALA B 142 -19.67 -18.61 13.84
CA ALA B 142 -19.06 -19.91 13.59
C ALA B 142 -17.73 -20.06 14.29
N SER B 143 -16.99 -18.95 14.45
CA SER B 143 -15.69 -18.96 15.13
C SER B 143 -15.81 -19.05 16.64
N GLY B 144 -17.01 -18.88 17.20
CA GLY B 144 -17.19 -18.91 18.64
C GLY B 144 -17.39 -17.57 19.29
N ASP B 145 -17.58 -16.50 18.52
CA ASP B 145 -17.81 -15.16 19.05
C ASP B 145 -19.32 -14.91 19.04
N THR B 146 -19.91 -14.84 20.23
CA THR B 146 -21.34 -14.61 20.38
C THR B 146 -21.68 -13.13 20.63
N VAL B 147 -20.68 -12.26 20.62
CA VAL B 147 -20.81 -10.88 21.06
C VAL B 147 -20.70 -9.91 19.89
N SER B 148 -19.60 -9.98 19.15
CA SER B 148 -19.37 -9.06 18.04
C SER B 148 -20.42 -9.27 16.98
N ARG B 149 -20.82 -8.18 16.33
CA ARG B 149 -21.85 -8.30 15.31
C ARG B 149 -21.70 -7.20 14.27
N SER B 150 -21.83 -7.60 13.01
CA SER B 150 -21.83 -6.69 11.87
C SER B 150 -23.26 -6.56 11.34
N ASP B 151 -23.73 -5.32 11.17
CA ASP B 151 -25.14 -5.09 10.86
C ASP B 151 -25.36 -4.14 9.69
N ARG B 152 -24.48 -3.15 9.51
CA ARG B 152 -24.71 -2.08 8.54
C ARG B 152 -23.52 -1.93 7.61
N LEU B 153 -23.74 -1.22 6.51
CA LEU B 153 -22.70 -0.89 5.56
C LEU B 153 -22.00 0.41 5.97
N GLU B 154 -20.92 0.74 5.25
CA GLU B 154 -20.27 2.03 5.45
C GLU B 154 -21.12 3.11 4.77
N PRO B 155 -21.24 4.29 5.39
CA PRO B 155 -20.63 4.73 6.65
C PRO B 155 -21.54 4.60 7.87
N GLU B 156 -22.77 4.12 7.67
CA GLU B 156 -23.76 4.10 8.76
C GLU B 156 -23.31 3.23 9.93
N LEU B 157 -22.47 2.21 9.67
CA LEU B 157 -22.10 1.30 10.75
C LEU B 157 -21.32 1.98 11.87
N ASN B 158 -20.77 3.18 11.61
CA ASN B 158 -19.97 3.87 12.62
C ASN B 158 -20.82 4.63 13.62
N SER B 159 -22.13 4.72 13.42
CA SER B 159 -23.00 5.36 14.39
C SER B 159 -23.11 4.50 15.65
N PHE B 160 -23.15 5.15 16.81
CA PHE B 160 -23.30 4.44 18.06
C PHE B 160 -24.32 5.12 18.96
N ALA B 161 -25.10 4.30 19.66
CA ALA B 161 -25.97 4.77 20.73
C ALA B 161 -26.02 3.70 21.80
N LYS B 162 -25.93 4.12 23.07
CA LYS B 162 -26.00 3.15 24.17
C LYS B 162 -27.30 2.36 24.05
N GLY B 163 -27.20 1.05 24.27
CA GLY B 163 -28.34 0.16 24.14
C GLY B 163 -28.65 -0.31 22.73
N ASP B 164 -27.99 0.27 21.72
CA ASP B 164 -28.16 -0.16 20.34
C ASP B 164 -26.93 -1.00 20.02
N PRO B 165 -27.05 -2.33 19.91
CA PRO B 165 -25.87 -3.17 19.78
C PRO B 165 -25.36 -3.35 18.36
N ARG B 166 -25.96 -2.69 17.37
CA ARG B 166 -25.52 -2.88 16.00
C ARG B 166 -24.07 -2.45 15.82
N ASP B 167 -23.29 -3.31 15.16
CA ASP B 167 -21.90 -3.01 14.81
C ASP B 167 -21.03 -2.76 16.03
N THR B 168 -21.28 -3.52 17.11
CA THR B 168 -20.53 -3.39 18.34
C THR B 168 -19.74 -4.66 18.66
N THR B 169 -18.78 -4.50 19.56
CA THR B 169 -18.06 -5.60 20.19
C THR B 169 -17.78 -5.20 21.64
N THR B 170 -17.09 -6.07 22.37
CA THR B 170 -16.49 -5.72 23.64
C THR B 170 -14.99 -5.92 23.52
N PRO B 171 -14.20 -5.25 24.36
CA PRO B 171 -12.74 -5.45 24.28
C PRO B 171 -12.36 -6.91 24.44
N ALA B 172 -13.02 -7.63 25.34
CA ALA B 172 -12.63 -9.02 25.61
C ALA B 172 -13.06 -9.93 24.48
N ALA B 173 -14.26 -9.72 23.93
CA ALA B 173 -14.69 -10.57 22.81
C ALA B 173 -13.80 -10.37 21.60
N MET B 174 -13.47 -9.13 21.27
CA MET B 174 -12.62 -8.89 20.13
C MET B 174 -11.20 -9.42 20.36
N ALA B 175 -10.69 -9.32 21.59
CA ALA B 175 -9.36 -9.86 21.84
C ALA B 175 -9.33 -11.38 21.60
N ALA B 176 -10.34 -12.09 22.10
CA ALA B 176 -10.40 -13.53 21.89
C ALA B 176 -10.54 -13.87 20.42
N THR B 177 -11.37 -13.11 19.69
CA THR B 177 -11.57 -13.40 18.28
C THR B 177 -10.31 -13.13 17.47
N LEU B 178 -9.59 -12.06 17.80
CA LEU B 178 -8.33 -11.77 17.14
C LEU B 178 -7.35 -12.91 17.37
N GLN B 179 -7.29 -13.42 18.58
CA GLN B 179 -6.42 -14.56 18.81
C GLN B 179 -6.81 -15.74 17.93
N ARG B 180 -8.10 -16.11 17.93
CA ARG B 180 -8.52 -17.31 17.20
C ARG B 180 -8.31 -17.16 15.69
N VAL B 181 -8.52 -15.95 15.17
CA VAL B 181 -8.49 -15.72 13.73
C VAL B 181 -7.07 -15.42 13.23
N VAL B 182 -6.34 -14.55 13.93
CA VAL B 182 -5.02 -14.15 13.48
C VAL B 182 -3.93 -15.12 13.93
N LEU B 183 -4.13 -15.81 15.05
CA LEU B 183 -3.12 -16.71 15.60
C LEU B 183 -3.52 -18.17 15.59
N GLY B 184 -4.83 -18.46 15.65
CA GLY B 184 -5.33 -19.81 15.77
C GLY B 184 -5.67 -20.45 14.43
N GLU B 185 -6.65 -21.37 14.47
CA GLU B 185 -6.96 -22.25 13.34
C GLU B 185 -8.27 -21.93 12.63
N VAL B 186 -8.85 -20.75 12.86
CA VAL B 186 -10.10 -20.42 12.16
C VAL B 186 -9.85 -20.40 10.65
N LEU B 187 -8.70 -19.87 10.23
CA LEU B 187 -8.28 -19.84 8.84
C LEU B 187 -7.15 -20.84 8.62
N GLN B 188 -7.01 -21.29 7.38
CA GLN B 188 -5.87 -22.12 7.02
C GLN B 188 -4.58 -21.31 7.14
N PRO B 189 -3.43 -21.98 7.31
CA PRO B 189 -2.18 -21.23 7.53
C PRO B 189 -1.89 -20.13 6.51
N ALA B 190 -2.02 -20.41 5.22
CA ALA B 190 -1.72 -19.39 4.22
C ALA B 190 -2.67 -18.21 4.33
N SER B 191 -3.93 -18.45 4.66
CA SER B 191 -4.90 -17.37 4.83
C SER B 191 -4.57 -16.54 6.06
N ARG B 192 -4.32 -17.22 7.18
CA ARG B 192 -3.98 -16.52 8.42
C ARG B 192 -2.74 -15.66 8.24
N GLN B 193 -1.70 -16.19 7.56
CA GLN B 193 -0.49 -15.42 7.36
C GLN B 193 -0.74 -14.20 6.46
N GLN B 194 -1.59 -14.34 5.45
CA GLN B 194 -1.91 -13.18 4.62
C GLN B 194 -2.60 -12.10 5.44
N LEU B 195 -3.55 -12.48 6.29
CA LEU B 195 -4.24 -11.51 7.13
C LEU B 195 -3.28 -10.86 8.12
N ALA B 196 -2.43 -11.66 8.76
CA ALA B 196 -1.41 -11.11 9.65
C ALA B 196 -0.55 -10.07 8.93
N ASP B 197 -0.16 -10.38 7.69
CA ASP B 197 0.70 -9.46 6.94
C ASP B 197 -0.01 -8.14 6.64
N TRP B 198 -1.30 -8.20 6.29
CA TRP B 198 -2.06 -6.97 6.10
C TRP B 198 -2.08 -6.13 7.38
N LEU B 199 -2.33 -6.78 8.53
CA LEU B 199 -2.33 -6.05 9.79
C LEU B 199 -0.96 -5.46 10.10
N ILE B 200 0.12 -6.22 9.86
CA ILE B 200 1.46 -5.69 10.07
C ILE B 200 1.71 -4.47 9.21
N ASP B 201 1.16 -4.45 7.98
CA ASP B 201 1.36 -3.38 7.01
C ASP B 201 0.42 -2.20 7.20
N ASN B 202 -0.43 -2.20 8.24
CA ASN B 202 -1.39 -1.13 8.39
C ASN B 202 -0.70 0.23 8.43
N GLU B 203 -1.32 1.22 7.78
CA GLU B 203 -0.74 2.56 7.65
C GLU B 203 -1.44 3.60 8.51
N THR B 204 -2.54 3.26 9.18
CA THR B 204 -3.36 4.26 9.85
C THR B 204 -3.13 4.33 11.36
N GLY B 205 -2.28 3.47 11.92
CA GLY B 205 -2.15 3.39 13.38
C GLY B 205 -0.82 3.86 13.94
N ASP B 206 -0.05 4.65 13.19
CA ASP B 206 1.28 5.02 13.66
C ASP B 206 1.25 5.87 14.92
N ALA B 207 0.17 6.61 15.15
CA ALA B 207 0.05 7.45 16.34
C ALA B 207 -0.75 6.79 17.46
N CYS B 208 -1.21 5.55 17.26
CA CYS B 208 -2.11 4.90 18.19
C CYS B 208 -1.32 3.86 19.00
N LEU B 209 -1.77 2.61 19.13
CA LEU B 209 -1.06 1.66 19.99
C LEU B 209 0.42 1.56 19.64
N ARG B 210 0.75 1.55 18.35
CA ARG B 210 2.15 1.41 17.92
C ARG B 210 3.05 2.46 18.54
N ALA B 211 2.54 3.67 18.73
CA ALA B 211 3.37 4.75 19.25
C ALA B 211 3.76 4.52 20.69
N GLY B 212 3.04 3.67 21.41
CA GLY B 212 3.37 3.39 22.80
C GLY B 212 4.03 2.04 23.02
N LEU B 213 4.13 1.21 21.99
CA LEU B 213 4.69 -0.13 22.12
C LEU B 213 6.17 -0.13 21.72
N GLY B 214 7.02 -0.74 22.54
CA GLY B 214 8.45 -0.74 22.36
C GLY B 214 8.97 -1.74 21.34
N LYS B 215 10.30 -1.71 21.18
CA LYS B 215 10.98 -2.54 20.19
C LYS B 215 10.86 -4.05 20.42
N ARG B 216 10.35 -4.48 21.57
CA ARG B 216 10.20 -5.93 21.75
C ARG B 216 9.18 -6.52 20.78
N TRP B 217 8.33 -5.71 20.17
CA TRP B 217 7.15 -6.21 19.47
C TRP B 217 7.16 -5.88 17.99
N ARG B 218 6.82 -6.87 17.17
CA ARG B 218 6.30 -6.65 15.82
C ARG B 218 4.79 -6.54 15.94
N VAL B 219 4.21 -5.46 15.42
CA VAL B 219 2.80 -5.15 15.65
C VAL B 219 2.02 -5.28 14.35
N GLY B 220 0.85 -5.91 14.44
CA GLY B 220 -0.19 -5.77 13.43
C GLY B 220 -1.41 -5.14 14.07
N ASP B 221 -2.08 -4.23 13.36
CA ASP B 221 -3.22 -3.56 13.98
C ASP B 221 -4.24 -3.13 12.94
N LYS B 222 -5.44 -2.81 13.45
CA LYS B 222 -6.50 -2.16 12.68
C LYS B 222 -7.16 -1.11 13.55
N THR B 223 -7.26 0.11 13.04
CA THR B 223 -7.88 1.23 13.75
C THR B 223 -9.35 1.38 13.39
N GLY B 224 -10.04 2.22 14.15
CA GLY B 224 -11.37 2.68 13.79
C GLY B 224 -11.67 4.01 14.44
N SER B 225 -12.66 4.71 13.89
CA SER B 225 -13.06 5.98 14.48
C SER B 225 -14.44 6.36 13.96
N ASN B 226 -15.06 7.30 14.64
CA ASN B 226 -16.22 7.98 14.06
C ASN B 226 -16.07 9.48 14.26
N GLY B 227 -17.02 10.23 13.70
CA GLY B 227 -16.92 11.67 13.75
C GLY B 227 -17.36 12.30 15.06
N GLU B 228 -17.93 11.52 15.97
CA GLU B 228 -18.44 12.05 17.23
C GLU B 228 -17.41 11.95 18.34
N ASP B 229 -17.04 10.73 18.73
CA ASP B 229 -16.15 10.60 19.88
C ASP B 229 -15.34 9.30 19.92
N ALA B 230 -15.49 8.42 18.93
CA ALA B 230 -14.93 7.08 19.04
C ALA B 230 -13.56 7.00 18.36
N ARG B 231 -12.60 6.37 19.04
CA ARG B 231 -11.34 6.05 18.40
C ARG B 231 -10.82 4.75 18.99
N ASN B 232 -10.51 3.79 18.12
CA ASN B 232 -10.23 2.41 18.52
C ASN B 232 -8.96 1.91 17.83
N ASP B 233 -8.35 0.91 18.44
CA ASP B 233 -7.24 0.23 17.78
C ASP B 233 -7.14 -1.16 18.39
N ILE B 234 -7.01 -2.17 17.55
CA ILE B 234 -6.86 -3.55 18.00
C ILE B 234 -5.59 -4.12 17.38
N ALA B 235 -4.80 -4.86 18.17
CA ALA B 235 -3.45 -5.20 17.76
C ALA B 235 -3.07 -6.61 18.20
N VAL B 236 -2.23 -7.23 17.39
CA VAL B 236 -1.49 -8.43 17.76
C VAL B 236 -0.03 -8.06 17.90
N LEU B 237 0.59 -8.52 18.99
CA LEU B 237 1.98 -8.21 19.33
C LEU B 237 2.77 -9.51 19.26
N TRP B 238 3.67 -9.62 18.27
CA TRP B 238 4.56 -10.78 18.18
C TRP B 238 5.92 -10.40 18.74
N PRO B 239 6.48 -11.15 19.68
CA PRO B 239 7.83 -10.81 20.18
C PRO B 239 8.87 -11.07 19.10
N VAL B 240 9.67 -10.05 18.79
CA VAL B 240 10.70 -10.20 17.78
C VAL B 240 11.73 -11.25 18.19
N ALA B 241 11.93 -11.45 19.49
CA ALA B 241 12.85 -12.45 20.01
C ALA B 241 12.26 -13.84 20.06
N GLY B 242 11.02 -14.02 19.62
CA GLY B 242 10.34 -15.29 19.72
C GLY B 242 9.55 -15.40 21.02
N GLY B 243 8.61 -16.34 21.03
CA GLY B 243 7.76 -16.54 22.18
C GLY B 243 6.30 -16.30 21.86
N ALA B 244 5.48 -16.35 22.91
CA ALA B 244 4.04 -16.27 22.75
C ALA B 244 3.61 -14.84 22.42
N PRO B 245 2.69 -14.67 21.47
CA PRO B 245 2.16 -13.33 21.20
C PRO B 245 1.23 -12.86 22.32
N TRP B 246 0.96 -11.57 22.27
CA TRP B 246 -0.07 -10.92 23.07
C TRP B 246 -1.08 -10.26 22.14
N VAL B 247 -2.29 -10.04 22.64
CA VAL B 247 -3.34 -9.34 21.91
C VAL B 247 -3.79 -8.16 22.76
N LEU B 248 -3.97 -7.00 22.12
CA LEU B 248 -4.31 -5.78 22.84
C LEU B 248 -5.44 -5.08 22.09
N THR B 249 -6.60 -4.97 22.72
CA THR B 249 -7.72 -4.26 22.13
C THR B 249 -8.02 -3.00 22.94
N ALA B 250 -8.33 -1.90 22.24
CA ALA B 250 -8.55 -0.62 22.89
C ALA B 250 -9.66 0.13 22.17
N TYR B 251 -10.73 0.40 22.90
CA TYR B 251 -11.91 1.11 22.39
C TYR B 251 -12.13 2.33 23.27
N LEU B 252 -12.21 3.51 22.66
CA LEU B 252 -12.35 4.75 23.41
C LEU B 252 -13.51 5.56 22.88
N GLN B 253 -14.29 6.13 23.79
CA GLN B 253 -15.19 7.23 23.47
C GLN B 253 -14.77 8.40 24.33
N ALA B 254 -14.37 9.51 23.69
CA ALA B 254 -13.84 10.63 24.47
C ALA B 254 -14.14 11.93 23.70
N GLY B 255 -15.40 12.38 23.83
CA GLY B 255 -15.84 13.56 23.11
C GLY B 255 -15.26 14.87 23.61
N ALA B 256 -14.68 14.88 24.81
CA ALA B 256 -14.17 16.12 25.39
C ALA B 256 -12.78 16.47 24.91
N ILE B 257 -12.12 15.59 24.16
CA ILE B 257 -10.77 15.81 23.66
C ILE B 257 -10.79 15.74 22.13
N SER B 258 -9.70 16.17 21.51
CA SER B 258 -9.62 16.23 20.06
C SER B 258 -9.31 14.86 19.46
N TYR B 259 -9.52 14.76 18.15
CA TYR B 259 -9.19 13.53 17.43
C TYR B 259 -7.73 13.15 17.66
N GLU B 260 -6.82 14.12 17.55
CA GLU B 260 -5.41 13.85 17.80
C GLU B 260 -5.18 13.38 19.22
N GLN B 261 -5.86 14.00 20.19
CA GLN B 261 -5.69 13.57 21.58
C GLN B 261 -6.23 12.17 21.80
N ARG B 262 -7.26 11.75 21.04
CA ARG B 262 -7.73 10.38 21.14
C ARG B 262 -6.65 9.38 20.73
N ALA B 263 -5.89 9.71 19.68
CA ALA B 263 -4.74 8.87 19.34
C ALA B 263 -3.75 8.82 20.49
N SER B 264 -3.50 9.96 21.13
N SER B 264 -3.51 9.96 21.14
CA SER B 264 -2.57 10.01 22.26
CA SER B 264 -2.56 9.97 22.25
C SER B 264 -3.03 9.08 23.37
C SER B 264 -3.03 9.10 23.41
N VAL B 265 -4.33 8.99 23.61
CA VAL B 265 -4.86 8.07 24.62
C VAL B 265 -4.53 6.63 24.23
N LEU B 266 -4.74 6.28 22.96
CA LEU B 266 -4.43 4.92 22.52
C LEU B 266 -2.94 4.64 22.61
N ALA B 267 -2.10 5.62 22.27
CA ALA B 267 -0.66 5.42 22.47
C ALA B 267 -0.33 5.15 23.93
N GLN B 268 -1.01 5.85 24.84
CA GLN B 268 -0.78 5.62 26.27
C GLN B 268 -1.25 4.24 26.71
N VAL B 269 -2.35 3.74 26.14
CA VAL B 269 -2.73 2.35 26.38
C VAL B 269 -1.58 1.43 26.00
N GLY B 270 -0.95 1.68 24.86
CA GLY B 270 0.19 0.89 24.45
C GLY B 270 1.33 0.94 25.43
N ARG B 271 1.65 2.14 25.92
CA ARG B 271 2.75 2.27 26.88
C ARG B 271 2.47 1.54 28.18
N ILE B 272 1.24 1.67 28.70
CA ILE B 272 0.88 0.96 29.93
C ILE B 272 0.94 -0.54 29.71
N ALA B 273 0.36 -1.01 28.60
CA ALA B 273 0.38 -2.45 28.32
C ALA B 273 1.79 -2.98 28.20
N ASP B 274 2.66 -2.26 27.51
CA ASP B 274 4.03 -2.73 27.36
C ASP B 274 4.70 -2.90 28.72
N ARG B 275 4.51 -1.91 29.56
CA ARG B 275 5.10 -1.96 30.88
C ARG B 275 4.55 -3.16 31.70
N LEU B 276 3.27 -3.47 31.53
CA LEU B 276 2.62 -4.57 32.26
C LEU B 276 3.10 -5.95 31.82
N ILE B 277 3.60 -6.07 30.59
CA ILE B 277 4.16 -7.33 30.10
C ILE B 277 5.57 -7.47 30.68
N GLY B 278 5.81 -8.32 31.71
CA GLY B 278 7.14 -8.47 32.38
C GLY B 278 7.67 -7.81 33.75
#